data_3TUG
#
_entry.id   3TUG
#
_cell.length_a   82.779
_cell.length_b   82.779
_cell.length_c   109.943
_cell.angle_alpha   90.00
_cell.angle_beta   90.00
_cell.angle_gamma   120.00
#
_symmetry.space_group_name_H-M   'P 31 2 1'
#
loop_
_entity.id
_entity.type
_entity.pdbx_description
1 polymer 'E3 ubiquitin-protein ligase Itchy homolog'
2 non-polymer 'CHLORIDE ION'
3 non-polymer 'UNKNOWN ATOM OR ION'
4 water water
#
_entity_poly.entity_id   1
_entity_poly.type   'polypeptide(L)'
_entity_poly.pdbx_seq_one_letter_code
;MHHHHHHSSGRENLYFQGYVRDFKAKVQYFRFWCQQLAMPQHIKITVTRKTLFEDSFQQIMSFSPQDLRRRLWVIFPGEE
GLDYGGVAREWFFLLSHEVSNPMYCLFEYAGKDNYCLQINPASYINPDHLKYFRFIGRFIAMALFHGKFIDTGFSLPFYK
RILNKPVGLKDLESIDPEFYNSLIWVKENNIEECDLEMYFSVDKEILGEIKSHDLKPNGGNILVTEENKEEYIRMVAEWR
LSRGVEEQTQAFFEGFNEILPQQYLQYFDAKELEVLLCGMQEIDLNDWQRHAIYRRYARTSKQIMWFWQFVKEIDNEKRM
RLLQFVTGTCRLPVGGFADLMGSNGPQKFCIEKVGKENWLPRSHTCFNRLDLPPYKSYEQLKEKLLFAIEETEGFGQE
;
_entity_poly.pdbx_strand_id   A
#
loop_
_chem_comp.id
_chem_comp.type
_chem_comp.name
_chem_comp.formula
CL non-polymer 'CHLORIDE ION' 'Cl -1'
UNX non-polymer 'UNKNOWN ATOM OR ION' ?
#
# COMPACT_ATOMS: atom_id res chain seq x y z
N VAL A 20 19.00 -12.18 -5.18
CA VAL A 20 17.72 -11.72 -5.71
C VAL A 20 16.66 -11.63 -4.59
N ARG A 21 15.75 -10.63 -4.72
CA ARG A 21 14.64 -10.38 -3.79
C ARG A 21 13.58 -11.43 -4.10
N ASP A 22 13.09 -12.13 -3.06
CA ASP A 22 12.13 -13.21 -3.22
C ASP A 22 10.98 -13.04 -2.25
N PHE A 23 9.92 -12.37 -2.71
CA PHE A 23 8.71 -12.08 -1.92
C PHE A 23 8.09 -13.32 -1.24
N LYS A 24 7.89 -14.42 -2.02
CA LYS A 24 7.29 -15.68 -1.57
C LYS A 24 8.07 -16.30 -0.41
N ALA A 25 9.40 -16.33 -0.52
CA ALA A 25 10.30 -16.81 0.53
C ALA A 25 10.14 -15.93 1.78
N LYS A 26 10.11 -14.58 1.60
CA LYS A 26 9.95 -13.64 2.70
C LYS A 26 8.62 -13.87 3.45
N VAL A 27 7.54 -14.19 2.72
CA VAL A 27 6.21 -14.45 3.28
C VAL A 27 6.24 -15.74 4.09
N GLN A 28 6.95 -16.75 3.59
CA GLN A 28 7.06 -18.04 4.24
C GLN A 28 7.80 -17.92 5.56
N TYR A 29 8.91 -17.16 5.55
CA TYR A 29 9.69 -16.88 6.76
C TYR A 29 8.85 -16.04 7.72
N PHE A 30 7.99 -15.13 7.18
CA PHE A 30 7.11 -14.30 8.00
C PHE A 30 6.05 -15.16 8.71
N ARG A 31 5.49 -16.17 8.02
CA ARG A 31 4.52 -17.11 8.58
C ARG A 31 5.14 -17.97 9.67
N PHE A 32 6.38 -18.41 9.43
CA PHE A 32 7.15 -19.20 10.36
C PHE A 32 7.31 -18.48 11.70
N TRP A 33 7.69 -17.19 11.67
CA TRP A 33 7.83 -16.33 12.84
C TRP A 33 6.49 -16.10 13.55
N CYS A 34 5.40 -15.92 12.78
CA CYS A 34 4.03 -15.70 13.32
C CYS A 34 3.50 -16.93 14.11
N GLN A 35 4.10 -18.13 13.93
CA GLN A 35 3.73 -19.37 14.64
C GLN A 35 3.95 -19.24 16.13
N GLN A 36 5.00 -18.53 16.57
CA GLN A 36 5.29 -18.33 18.00
C GLN A 36 4.20 -17.47 18.66
N LEU A 37 3.42 -16.72 17.84
CA LEU A 37 2.33 -15.88 18.35
C LEU A 37 0.98 -16.57 18.17
N ALA A 38 0.89 -17.61 17.33
CA ALA A 38 -0.35 -18.33 17.09
C ALA A 38 -0.90 -18.93 18.40
N MET A 39 -2.22 -18.85 18.56
CA MET A 39 -2.92 -19.35 19.73
C MET A 39 -3.98 -20.38 19.32
N PRO A 40 -4.23 -21.43 20.14
CA PRO A 40 -5.26 -22.41 19.75
C PRO A 40 -6.68 -21.84 19.85
N GLN A 41 -7.66 -22.64 19.40
CA GLN A 41 -9.11 -22.39 19.43
C GLN A 41 -9.50 -21.11 18.69
N HIS A 42 -10.62 -20.48 19.08
CA HIS A 42 -11.16 -19.31 18.40
C HIS A 42 -11.71 -18.24 19.33
N ILE A 43 -11.99 -17.06 18.77
CA ILE A 43 -12.69 -15.97 19.44
C ILE A 43 -13.85 -15.56 18.55
N LYS A 44 -15.00 -15.30 19.15
CA LYS A 44 -16.18 -14.88 18.42
C LYS A 44 -16.18 -13.37 18.32
N ILE A 45 -16.39 -12.83 17.09
CA ILE A 45 -16.55 -11.39 16.83
C ILE A 45 -17.98 -11.23 16.30
N THR A 46 -18.87 -10.76 17.16
CA THR A 46 -20.30 -10.58 16.84
C THR A 46 -20.53 -9.11 16.51
N VAL A 47 -20.82 -8.85 15.24
CA VAL A 47 -21.02 -7.51 14.69
C VAL A 47 -22.27 -7.47 13.78
N THR A 48 -22.94 -6.32 13.73
CA THR A 48 -24.09 -6.14 12.84
C THR A 48 -23.59 -5.38 11.61
N ARG A 49 -24.33 -5.43 10.50
CA ARG A 49 -23.97 -4.76 9.25
C ARG A 49 -24.32 -3.27 9.30
N LYS A 50 -25.33 -2.89 10.11
CA LYS A 50 -25.78 -1.50 10.26
C LYS A 50 -24.76 -0.67 11.05
N THR A 51 -24.31 -1.19 12.21
CA THR A 51 -23.30 -0.54 13.07
C THR A 51 -21.97 -1.35 13.08
N LEU A 52 -21.50 -1.81 11.90
CA LEU A 52 -20.28 -2.62 11.79
C LEU A 52 -19.05 -1.98 12.46
N PHE A 53 -18.73 -0.71 12.12
CA PHE A 53 -17.54 -0.01 12.64
C PHE A 53 -17.50 0.08 14.17
N GLU A 54 -18.63 0.48 14.78
CA GLU A 54 -18.76 0.65 16.22
C GLU A 54 -18.82 -0.69 16.97
N ASP A 55 -19.55 -1.70 16.43
CA ASP A 55 -19.60 -3.04 17.00
C ASP A 55 -18.19 -3.64 16.95
N SER A 56 -17.47 -3.45 15.82
CA SER A 56 -16.08 -3.93 15.65
C SER A 56 -15.16 -3.30 16.66
N PHE A 57 -15.28 -1.97 16.86
CA PHE A 57 -14.52 -1.24 17.86
C PHE A 57 -14.75 -1.81 19.26
N GLN A 58 -16.02 -1.98 19.71
CA GLN A 58 -16.27 -2.50 21.06
C GLN A 58 -15.82 -3.97 21.15
N GLN A 59 -16.03 -4.78 20.12
CA GLN A 59 -15.59 -6.19 20.13
C GLN A 59 -14.06 -6.30 20.18
N ILE A 60 -13.35 -5.72 19.21
CA ILE A 60 -11.88 -5.80 19.15
C ILE A 60 -11.21 -5.20 20.40
N MET A 61 -11.71 -4.07 20.93
CA MET A 61 -11.09 -3.47 22.11
C MET A 61 -11.43 -4.21 23.42
N SER A 62 -12.41 -5.12 23.41
CA SER A 62 -12.75 -5.84 24.64
C SER A 62 -11.86 -7.08 24.85
N PHE A 63 -11.13 -7.52 23.78
CA PHE A 63 -10.26 -8.68 23.84
C PHE A 63 -8.79 -8.34 24.06
N SER A 64 -8.07 -9.27 24.69
CA SER A 64 -6.63 -9.16 24.89
C SER A 64 -5.92 -9.40 23.53
N PRO A 65 -4.69 -8.88 23.32
CA PRO A 65 -3.97 -9.14 22.07
C PRO A 65 -3.79 -10.64 21.75
N GLN A 66 -3.48 -11.43 22.79
CA GLN A 66 -3.27 -12.87 22.77
C GLN A 66 -4.52 -13.58 22.27
N ASP A 67 -5.71 -13.11 22.67
CA ASP A 67 -6.96 -13.71 22.22
C ASP A 67 -7.27 -13.37 20.75
N LEU A 68 -6.84 -12.17 20.31
CA LEU A 68 -7.05 -11.72 18.93
C LEU A 68 -6.18 -12.49 17.92
N ARG A 69 -5.27 -13.34 18.45
CA ARG A 69 -4.34 -14.17 17.71
C ARG A 69 -4.84 -15.61 17.60
N ARG A 70 -6.07 -15.85 18.06
CA ARG A 70 -6.76 -17.14 17.96
C ARG A 70 -7.52 -17.04 16.64
N ARG A 71 -8.06 -18.16 16.14
CA ARG A 71 -8.80 -18.16 14.88
C ARG A 71 -10.03 -17.25 14.99
N LEU A 72 -10.22 -16.40 14.00
CA LEU A 72 -11.31 -15.45 14.00
C LEU A 72 -12.62 -16.08 13.56
N TRP A 73 -13.64 -15.99 14.42
CA TRP A 73 -14.97 -16.47 14.10
C TRP A 73 -15.87 -15.25 14.06
N VAL A 74 -15.96 -14.60 12.89
CA VAL A 74 -16.81 -13.44 12.70
C VAL A 74 -18.25 -13.93 12.48
N ILE A 75 -19.21 -13.31 13.21
CA ILE A 75 -20.63 -13.64 13.21
C ILE A 75 -21.47 -12.38 12.96
N PHE A 76 -22.40 -12.46 11.99
CA PHE A 76 -23.38 -11.43 11.71
C PHE A 76 -24.72 -12.04 12.21
N PRO A 77 -25.23 -11.66 13.41
CA PRO A 77 -26.49 -12.26 13.93
C PRO A 77 -27.62 -12.35 12.89
N GLY A 78 -28.28 -13.51 12.85
CA GLY A 78 -29.35 -13.78 11.90
C GLY A 78 -28.83 -14.60 10.73
N GLU A 79 -27.56 -14.40 10.38
CA GLU A 79 -26.88 -15.12 9.30
C GLU A 79 -26.18 -16.35 9.90
N GLU A 80 -26.66 -17.54 9.55
CA GLU A 80 -26.14 -18.81 10.02
C GLU A 80 -25.15 -19.39 8.98
N GLY A 81 -24.27 -18.52 8.50
CA GLY A 81 -23.25 -18.84 7.51
C GLY A 81 -22.26 -19.88 7.98
N LEU A 82 -22.18 -21.00 7.22
CA LEU A 82 -21.25 -22.09 7.46
C LEU A 82 -19.85 -21.71 6.95
N ASP A 83 -19.80 -20.79 5.96
CA ASP A 83 -18.55 -20.30 5.38
C ASP A 83 -17.91 -19.28 6.33
N TYR A 84 -17.29 -19.79 7.44
CA TYR A 84 -16.64 -18.98 8.48
C TYR A 84 -15.50 -18.13 7.90
N GLY A 85 -14.74 -18.72 6.97
CA GLY A 85 -13.63 -18.07 6.26
C GLY A 85 -14.12 -16.92 5.41
N GLY A 86 -15.22 -17.15 4.69
CA GLY A 86 -15.85 -16.15 3.82
C GLY A 86 -16.38 -14.94 4.56
N VAL A 87 -16.91 -15.16 5.78
CA VAL A 87 -17.46 -14.11 6.65
C VAL A 87 -16.32 -13.24 7.23
N ALA A 88 -15.21 -13.88 7.65
CA ALA A 88 -14.05 -13.17 8.15
C ALA A 88 -13.45 -12.30 7.04
N ARG A 89 -13.37 -12.84 5.80
CA ARG A 89 -12.85 -12.09 4.65
C ARG A 89 -13.72 -10.88 4.36
N GLU A 90 -15.06 -11.07 4.46
CA GLU A 90 -16.06 -10.04 4.26
C GLU A 90 -15.96 -8.95 5.35
N TRP A 91 -15.81 -9.34 6.64
CA TRP A 91 -15.63 -8.40 7.74
C TRP A 91 -14.39 -7.52 7.50
N PHE A 92 -13.23 -8.13 7.10
CA PHE A 92 -11.99 -7.36 6.81
C PHE A 92 -12.21 -6.36 5.67
N PHE A 93 -12.88 -6.79 4.59
CA PHE A 93 -13.21 -6.00 3.42
C PHE A 93 -14.14 -4.82 3.82
N LEU A 94 -15.24 -5.13 4.55
CA LEU A 94 -16.23 -4.12 4.98
C LEU A 94 -15.65 -3.14 5.99
N LEU A 95 -14.94 -3.64 7.02
CA LEU A 95 -14.31 -2.77 8.04
C LEU A 95 -13.20 -1.89 7.42
N SER A 96 -12.44 -2.43 6.46
CA SER A 96 -11.39 -1.60 5.84
C SER A 96 -12.01 -0.38 5.11
N HIS A 97 -13.27 -0.48 4.59
CA HIS A 97 -13.99 0.61 3.94
C HIS A 97 -14.48 1.62 4.95
N GLU A 98 -14.88 1.16 6.14
CA GLU A 98 -15.37 2.02 7.20
C GLU A 98 -14.25 2.85 7.85
N VAL A 99 -12.98 2.41 7.76
CA VAL A 99 -11.81 3.11 8.32
C VAL A 99 -11.79 4.60 7.82
N SER A 100 -12.12 4.84 6.52
CA SER A 100 -12.19 6.15 5.84
C SER A 100 -13.55 6.92 5.93
N ASN A 101 -14.55 6.36 6.64
CA ASN A 101 -15.84 7.03 6.75
C ASN A 101 -15.71 8.43 7.40
N PRO A 102 -16.12 9.52 6.68
CA PRO A 102 -15.99 10.87 7.23
C PRO A 102 -16.72 11.09 8.55
N MET A 103 -17.80 10.32 8.81
CA MET A 103 -18.56 10.40 10.07
C MET A 103 -17.68 10.18 11.30
N TYR A 104 -16.55 9.43 11.14
CA TYR A 104 -15.65 9.10 12.23
C TYR A 104 -14.47 10.07 12.31
N CYS A 105 -14.12 10.75 11.17
CA CYS A 105 -13.02 11.73 11.09
CA CYS A 105 -13.06 11.75 11.12
C CYS A 105 -11.69 11.13 11.56
N LEU A 106 -11.38 9.91 11.11
CA LEU A 106 -10.16 9.24 11.50
C LEU A 106 -9.15 9.19 10.36
N PHE A 107 -9.57 8.72 9.19
CA PHE A 107 -8.74 8.63 7.99
C PHE A 107 -9.46 9.30 6.86
N GLU A 108 -8.70 9.92 5.98
CA GLU A 108 -9.23 10.62 4.81
C GLU A 108 -8.46 10.20 3.57
N TYR A 109 -9.05 10.37 2.40
CA TYR A 109 -8.39 10.00 1.14
C TYR A 109 -7.30 11.00 0.77
N ALA A 110 -6.15 10.46 0.29
CA ALA A 110 -4.98 11.19 -0.21
C ALA A 110 -4.08 10.26 -1.02
N TYR A 115 -8.25 4.39 -3.29
CA TYR A 115 -7.88 3.50 -2.19
C TYR A 115 -7.06 4.17 -1.08
N CYS A 116 -6.03 5.00 -1.44
CA CYS A 116 -5.03 5.59 -0.53
C CYS A 116 -5.58 6.50 0.58
N LEU A 117 -5.30 6.10 1.83
CA LEU A 117 -5.69 6.81 3.04
C LEU A 117 -4.54 7.50 3.72
N GLN A 118 -4.88 8.52 4.54
CA GLN A 118 -3.99 9.27 5.44
C GLN A 118 -4.78 9.67 6.67
N ILE A 119 -4.07 9.81 7.81
CA ILE A 119 -4.70 10.21 9.07
C ILE A 119 -5.28 11.61 8.93
N ASN A 120 -6.54 11.78 9.32
CA ASN A 120 -7.19 13.08 9.26
C ASN A 120 -6.66 13.92 10.44
N PRO A 121 -5.94 15.05 10.18
CA PRO A 121 -5.43 15.86 11.32
C PRO A 121 -6.49 16.45 12.23
N ALA A 122 -7.76 16.51 11.79
CA ALA A 122 -8.89 17.04 12.56
C ALA A 122 -9.49 16.01 13.52
N SER A 123 -8.96 14.77 13.54
CA SER A 123 -9.44 13.64 14.35
C SER A 123 -9.55 13.93 15.84
N TYR A 124 -8.68 14.80 16.36
CA TYR A 124 -8.61 15.19 17.77
C TYR A 124 -9.93 15.77 18.33
N ILE A 125 -10.84 16.27 17.44
CA ILE A 125 -12.14 16.84 17.85
C ILE A 125 -12.92 15.86 18.72
N ASN A 126 -12.75 14.56 18.45
CA ASN A 126 -13.35 13.49 19.26
CA ASN A 126 -13.35 13.50 19.24
C ASN A 126 -12.29 13.16 20.31
N PRO A 127 -12.55 13.51 21.60
CA PRO A 127 -11.53 13.27 22.64
C PRO A 127 -11.10 11.81 22.80
N ASP A 128 -11.88 10.84 22.30
CA ASP A 128 -11.46 9.43 22.37
C ASP A 128 -10.84 8.95 21.06
N HIS A 129 -10.43 9.90 20.19
CA HIS A 129 -9.84 9.55 18.89
C HIS A 129 -8.63 8.57 18.97
N LEU A 130 -7.74 8.72 19.99
CA LEU A 130 -6.55 7.85 20.12
C LEU A 130 -6.92 6.37 20.33
N LYS A 131 -8.07 6.09 20.96
CA LYS A 131 -8.59 4.73 21.16
C LYS A 131 -8.99 4.10 19.84
N TYR A 132 -9.56 4.91 18.94
CA TYR A 132 -9.97 4.48 17.61
C TYR A 132 -8.75 4.21 16.74
N PHE A 133 -7.66 4.99 16.92
CA PHE A 133 -6.43 4.74 16.16
C PHE A 133 -5.73 3.46 16.66
N ARG A 134 -5.82 3.19 17.99
CA ARG A 134 -5.26 1.98 18.60
C ARG A 134 -6.01 0.77 17.99
N PHE A 135 -7.36 0.86 17.91
CA PHE A 135 -8.26 -0.11 17.30
C PHE A 135 -7.91 -0.37 15.83
N ILE A 136 -7.76 0.69 15.02
CA ILE A 136 -7.39 0.53 13.59
C ILE A 136 -5.99 -0.12 13.47
N GLY A 137 -5.06 0.24 14.36
CA GLY A 137 -3.73 -0.35 14.41
C GLY A 137 -3.81 -1.86 14.62
N ARG A 138 -4.64 -2.32 15.62
CA ARG A 138 -4.90 -3.74 15.89
C ARG A 138 -5.45 -4.40 14.64
N PHE A 139 -6.47 -3.78 14.02
CA PHE A 139 -7.14 -4.26 12.81
C PHE A 139 -6.15 -4.56 11.68
N ILE A 140 -5.28 -3.58 11.32
CA ILE A 140 -4.27 -3.75 10.27
C ILE A 140 -3.28 -4.89 10.64
N ALA A 141 -2.84 -4.97 11.91
CA ALA A 141 -1.91 -6.04 12.37
C ALA A 141 -2.62 -7.40 12.32
N MET A 142 -3.94 -7.42 12.63
CA MET A 142 -4.76 -8.63 12.56
C MET A 142 -4.86 -9.14 11.13
N ALA A 143 -5.05 -8.22 10.15
CA ALA A 143 -5.08 -8.61 8.73
C ALA A 143 -3.79 -9.31 8.33
N LEU A 144 -2.63 -8.75 8.73
CA LEU A 144 -1.31 -9.33 8.43
C LEU A 144 -1.09 -10.66 9.15
N PHE A 145 -1.48 -10.73 10.44
CA PHE A 145 -1.35 -11.92 11.26
C PHE A 145 -2.26 -13.04 10.78
N HIS A 146 -3.51 -12.76 10.45
CA HIS A 146 -4.44 -13.82 10.02
C HIS A 146 -4.39 -14.13 8.53
N GLY A 147 -3.52 -13.45 7.79
CA GLY A 147 -3.35 -13.65 6.35
C GLY A 147 -4.57 -13.27 5.55
N LYS A 148 -5.12 -12.10 5.88
CA LYS A 148 -6.33 -11.56 5.28
C LYS A 148 -6.01 -10.24 4.56
N PHE A 149 -6.73 -9.94 3.47
CA PHE A 149 -6.48 -8.72 2.71
C PHE A 149 -7.48 -7.64 3.05
N ILE A 150 -7.06 -6.40 2.86
CA ILE A 150 -7.90 -5.22 3.10
C ILE A 150 -8.21 -4.56 1.74
N ASP A 151 -9.35 -3.86 1.65
CA ASP A 151 -9.76 -3.19 0.41
C ASP A 151 -9.65 -1.67 0.52
N THR A 152 -8.52 -1.27 1.04
CA THR A 152 -8.11 0.09 1.30
C THR A 152 -6.62 -0.01 1.47
N GLY A 153 -5.95 1.13 1.54
CA GLY A 153 -4.51 1.13 1.70
C GLY A 153 -4.00 2.49 2.09
N PHE A 154 -2.69 2.56 2.24
CA PHE A 154 -1.97 3.72 2.67
C PHE A 154 -0.96 4.16 1.61
N SER A 155 -0.22 5.19 1.91
CA SER A 155 0.79 5.69 1.02
C SER A 155 2.03 4.83 1.21
N LEU A 156 2.98 4.85 0.26
CA LEU A 156 4.24 4.11 0.40
C LEU A 156 5.03 4.63 1.61
N PRO A 157 5.16 5.97 1.84
CA PRO A 157 5.87 6.43 3.04
C PRO A 157 5.26 5.86 4.31
N PHE A 158 3.92 5.68 4.33
CA PHE A 158 3.27 5.11 5.50
C PHE A 158 3.57 3.60 5.62
N TYR A 159 3.75 2.88 4.50
CA TYR A 159 4.14 1.47 4.58
C TYR A 159 5.57 1.41 5.12
N LYS A 160 6.43 2.39 4.73
CA LYS A 160 7.81 2.46 5.22
C LYS A 160 7.83 2.66 6.75
N ARG A 161 6.89 3.46 7.26
CA ARG A 161 6.69 3.75 8.67
C ARG A 161 6.27 2.47 9.43
N ILE A 162 5.36 1.66 8.85
CA ILE A 162 4.93 0.37 9.45
C ILE A 162 6.16 -0.57 9.58
N LEU A 163 7.08 -0.50 8.63
CA LEU A 163 8.31 -1.30 8.58
C LEU A 163 9.47 -0.71 9.37
N ASN A 164 9.28 0.52 9.92
CA ASN A 164 10.32 1.28 10.65
C ASN A 164 11.49 1.61 9.73
N LYS A 165 11.21 1.88 8.46
CA LYS A 165 12.24 2.23 7.51
C LYS A 165 12.33 3.76 7.42
N PRO A 166 13.54 4.33 7.23
CA PRO A 166 13.64 5.80 7.16
C PRO A 166 12.95 6.40 5.94
N VAL A 167 12.40 7.61 6.11
CA VAL A 167 11.70 8.37 5.08
C VAL A 167 12.43 9.71 4.83
N GLY A 168 12.47 10.13 3.58
CA GLY A 168 13.15 11.37 3.21
C GLY A 168 12.45 12.16 2.12
N LEU A 169 13.25 12.97 1.39
CA LEU A 169 12.82 13.87 0.32
C LEU A 169 12.12 13.15 -0.83
N LYS A 170 12.65 12.01 -1.30
CA LYS A 170 12.05 11.25 -2.42
C LYS A 170 10.61 10.80 -2.11
N ASP A 171 10.34 10.47 -0.83
CA ASP A 171 9.01 10.04 -0.37
C ASP A 171 7.95 11.17 -0.43
N LEU A 172 8.39 12.45 -0.54
CA LEU A 172 7.52 13.63 -0.58
C LEU A 172 6.81 13.87 -1.90
N GLU A 173 7.50 13.66 -3.04
CA GLU A 173 6.97 13.91 -4.39
C GLU A 173 5.54 13.40 -4.58
N SER A 174 5.23 12.18 -4.06
CA SER A 174 3.92 11.54 -4.19
C SER A 174 2.85 12.04 -3.20
N ILE A 175 3.26 12.65 -2.07
CA ILE A 175 2.34 13.12 -1.03
C ILE A 175 2.12 14.65 -1.08
N ASP A 176 3.19 15.46 -1.20
CA ASP A 176 3.08 16.91 -1.27
C ASP A 176 4.03 17.48 -2.34
N PRO A 177 3.53 17.56 -3.61
CA PRO A 177 4.39 18.05 -4.71
C PRO A 177 4.91 19.46 -4.54
N GLU A 178 4.07 20.42 -4.07
CA GLU A 178 4.47 21.81 -3.85
C GLU A 178 5.63 21.90 -2.84
N PHE A 179 5.51 21.19 -1.71
CA PHE A 179 6.49 21.11 -0.63
C PHE A 179 7.77 20.44 -1.12
N TYR A 180 7.63 19.35 -1.91
CA TYR A 180 8.71 18.61 -2.54
C TYR A 180 9.56 19.56 -3.36
N ASN A 181 8.94 20.27 -4.33
CA ASN A 181 9.57 21.25 -5.24
C ASN A 181 10.30 22.37 -4.48
N SER A 182 9.72 22.86 -3.36
CA SER A 182 10.35 23.89 -2.54
C SER A 182 11.60 23.34 -1.81
N LEU A 183 11.55 22.06 -1.36
CA LEU A 183 12.67 21.39 -0.69
C LEU A 183 13.74 21.04 -1.75
N ILE A 184 13.29 20.70 -2.98
CA ILE A 184 14.11 20.37 -4.15
C ILE A 184 14.92 21.61 -4.57
N TRP A 185 14.32 22.82 -4.43
CA TRP A 185 14.97 24.08 -4.74
C TRP A 185 16.10 24.40 -3.74
N VAL A 186 15.96 23.96 -2.47
CA VAL A 186 16.98 24.14 -1.43
C VAL A 186 18.19 23.24 -1.72
N LYS A 187 17.96 22.07 -2.38
CA LYS A 187 19.01 21.11 -2.76
C LYS A 187 19.65 21.50 -4.10
N GLU A 188 18.82 21.90 -5.10
CA GLU A 188 19.26 22.32 -6.44
C GLU A 188 19.59 23.84 -6.51
N ASN A 189 20.08 24.40 -5.38
CA ASN A 189 20.53 25.80 -5.20
C ASN A 189 21.25 25.97 -3.84
N ASN A 190 21.90 27.13 -3.62
CA ASN A 190 22.63 27.43 -2.38
C ASN A 190 22.31 28.83 -1.84
N TYR A 199 16.15 28.93 8.01
CA TYR A 199 16.99 29.01 9.20
C TYR A 199 16.26 28.44 10.44
N PHE A 200 16.37 27.10 10.66
CA PHE A 200 15.73 26.38 11.77
C PHE A 200 16.51 25.10 12.17
N SER A 201 17.15 25.11 13.36
CA SER A 201 17.96 24.02 13.90
C SER A 201 17.34 23.37 15.14
N LYS A 229 22.35 21.72 5.41
CA LYS A 229 21.30 21.70 4.42
C LYS A 229 20.72 20.30 4.23
N GLU A 230 21.59 19.28 4.07
CA GLU A 230 21.21 17.87 3.88
C GLU A 230 20.41 17.34 5.06
N GLU A 231 20.82 17.75 6.28
CA GLU A 231 20.13 17.35 7.52
C GLU A 231 18.76 18.04 7.56
N TYR A 232 18.72 19.39 7.35
CA TYR A 232 17.51 20.22 7.35
C TYR A 232 16.45 19.67 6.39
N ILE A 233 16.80 19.51 5.08
CA ILE A 233 15.89 18.98 4.05
C ILE A 233 15.36 17.59 4.49
N ARG A 234 16.23 16.71 5.04
CA ARG A 234 15.83 15.38 5.55
C ARG A 234 14.87 15.48 6.76
N MET A 235 15.18 16.37 7.72
CA MET A 235 14.41 16.62 8.94
C MET A 235 13.00 17.12 8.58
N VAL A 236 12.95 18.17 7.73
CA VAL A 236 11.73 18.79 7.24
C VAL A 236 10.83 17.77 6.54
N ALA A 237 11.42 16.94 5.63
CA ALA A 237 10.69 15.89 4.90
C ALA A 237 10.06 14.89 5.85
N GLU A 238 10.84 14.42 6.84
CA GLU A 238 10.38 13.47 7.85
C GLU A 238 9.18 14.06 8.62
N TRP A 239 9.36 15.29 9.15
CA TRP A 239 8.34 16.06 9.86
C TRP A 239 7.09 16.22 9.01
N ARG A 240 7.22 16.62 7.73
CA ARG A 240 6.07 16.83 6.85
C ARG A 240 5.23 15.57 6.68
N LEU A 241 5.90 14.41 6.58
CA LEU A 241 5.21 13.14 6.38
C LEU A 241 4.30 12.74 7.58
N SER A 242 4.62 13.16 8.81
CA SER A 242 3.72 12.88 9.95
C SER A 242 3.21 14.18 10.62
N ARG A 243 3.33 15.32 9.90
CA ARG A 243 2.93 16.68 10.36
C ARG A 243 1.49 16.69 10.92
N GLY A 244 1.35 17.10 12.18
CA GLY A 244 0.06 17.20 12.85
C GLY A 244 -0.72 15.92 13.06
N VAL A 245 -0.08 14.73 12.87
CA VAL A 245 -0.73 13.42 13.04
C VAL A 245 0.18 12.50 13.90
N GLU A 246 1.11 13.08 14.65
CA GLU A 246 2.08 12.30 15.43
C GLU A 246 1.46 11.47 16.56
N GLU A 247 0.48 12.03 17.31
CA GLU A 247 -0.20 11.33 18.41
C GLU A 247 -1.04 10.17 17.89
N GLN A 248 -1.79 10.39 16.78
CA GLN A 248 -2.62 9.39 16.12
C GLN A 248 -1.77 8.21 15.61
N THR A 249 -0.60 8.54 15.02
CA THR A 249 0.34 7.57 14.49
C THR A 249 0.89 6.70 15.63
N GLN A 250 1.31 7.32 16.72
CA GLN A 250 1.82 6.62 17.90
C GLN A 250 0.76 5.63 18.46
N ALA A 251 -0.52 6.07 18.54
CA ALA A 251 -1.65 5.26 19.00
C ALA A 251 -1.89 4.10 18.05
N PHE A 252 -1.82 4.37 16.72
CA PHE A 252 -1.97 3.33 15.69
C PHE A 252 -0.93 2.23 15.92
N PHE A 253 0.35 2.64 16.16
CA PHE A 253 1.45 1.72 16.34
C PHE A 253 1.39 0.95 17.66
N GLU A 254 0.77 1.53 18.68
CA GLU A 254 0.56 0.86 19.97
C GLU A 254 -0.37 -0.34 19.73
N GLY A 255 -1.47 -0.11 19.01
CA GLY A 255 -2.45 -1.14 18.66
C GLY A 255 -1.85 -2.17 17.73
N PHE A 256 -1.12 -1.70 16.71
CA PHE A 256 -0.46 -2.56 15.75
C PHE A 256 0.53 -3.51 16.43
N ASN A 257 1.49 -2.95 17.23
CA ASN A 257 2.56 -3.73 17.89
C ASN A 257 2.09 -4.70 18.94
N GLU A 258 0.94 -4.47 19.60
CA GLU A 258 0.49 -5.46 20.58
C GLU A 258 -0.05 -6.75 19.90
N ILE A 259 -0.44 -6.69 18.61
CA ILE A 259 -0.90 -7.87 17.87
C ILE A 259 0.28 -8.51 17.15
N LEU A 260 1.00 -7.69 16.39
CA LEU A 260 2.12 -8.13 15.57
C LEU A 260 3.28 -7.16 15.73
N PRO A 261 4.36 -7.55 16.44
CA PRO A 261 5.49 -6.61 16.56
C PRO A 261 5.94 -6.28 15.14
N GLN A 262 6.08 -4.98 14.86
CA GLN A 262 6.42 -4.53 13.52
C GLN A 262 7.81 -5.05 13.03
N GLN A 263 8.66 -5.58 13.95
CA GLN A 263 9.96 -6.17 13.61
C GLN A 263 9.81 -7.52 12.87
N TYR A 264 8.60 -8.14 12.93
CA TYR A 264 8.32 -9.41 12.21
C TYR A 264 8.29 -9.14 10.73
N LEU A 265 8.09 -7.89 10.34
CA LEU A 265 8.03 -7.48 8.92
C LEU A 265 9.37 -6.91 8.37
N GLN A 266 10.46 -6.97 9.14
CA GLN A 266 11.76 -6.36 8.85
C GLN A 266 12.44 -6.73 7.53
N TYR A 267 12.10 -7.87 6.90
CA TYR A 267 12.75 -8.24 5.65
C TYR A 267 12.05 -7.67 4.41
N PHE A 268 10.79 -7.23 4.54
CA PHE A 268 10.02 -6.66 3.42
C PHE A 268 10.38 -5.22 3.12
N ASP A 269 10.23 -4.81 1.83
CA ASP A 269 10.30 -3.39 1.44
C ASP A 269 8.85 -2.88 1.46
N ALA A 270 8.63 -1.56 1.32
CA ALA A 270 7.29 -0.94 1.39
C ALA A 270 6.30 -1.47 0.37
N LYS A 271 6.77 -1.70 -0.86
CA LYS A 271 5.96 -2.21 -1.96
C LYS A 271 5.49 -3.65 -1.71
N GLU A 272 6.34 -4.48 -1.09
CA GLU A 272 6.01 -5.88 -0.75
C GLU A 272 4.95 -5.90 0.34
N LEU A 273 5.08 -5.00 1.35
CA LEU A 273 4.10 -4.87 2.42
C LEU A 273 2.71 -4.49 1.85
N GLU A 274 2.68 -3.60 0.87
CA GLU A 274 1.42 -3.24 0.20
C GLU A 274 0.82 -4.48 -0.48
N VAL A 275 1.64 -5.25 -1.21
CA VAL A 275 1.19 -6.50 -1.86
C VAL A 275 0.64 -7.46 -0.81
N LEU A 276 1.30 -7.60 0.35
CA LEU A 276 0.89 -8.47 1.45
C LEU A 276 -0.48 -8.08 2.03
N LEU A 277 -0.77 -6.78 2.04
CA LEU A 277 -2.04 -6.26 2.53
C LEU A 277 -3.15 -6.28 1.47
N CYS A 278 -2.81 -6.24 0.16
CA CYS A 278 -3.73 -6.27 -1.00
C CYS A 278 -3.97 -7.70 -1.52
N GLY A 279 -2.95 -8.53 -1.50
CA GLY A 279 -2.98 -9.87 -2.06
C GLY A 279 -2.40 -9.86 -3.48
N MET A 280 -1.76 -10.97 -3.93
CA MET A 280 -1.20 -10.99 -5.26
C MET A 280 -2.26 -11.26 -6.29
N GLN A 281 -3.15 -10.27 -6.48
CA GLN A 281 -4.26 -10.36 -7.43
C GLN A 281 -3.73 -10.62 -8.85
N GLU A 282 -4.41 -11.51 -9.59
CA GLU A 282 -4.03 -11.83 -10.97
C GLU A 282 -4.41 -10.63 -11.86
N ILE A 283 -3.43 -10.09 -12.58
CA ILE A 283 -3.64 -8.95 -13.47
C ILE A 283 -4.17 -9.44 -14.81
N ASP A 284 -5.24 -8.81 -15.30
CA ASP A 284 -5.80 -9.11 -16.61
C ASP A 284 -4.86 -8.40 -17.60
N LEU A 285 -4.09 -9.21 -18.35
CA LEU A 285 -3.11 -8.74 -19.32
C LEU A 285 -3.78 -8.07 -20.54
N ASN A 286 -4.96 -8.58 -20.94
CA ASN A 286 -5.72 -8.06 -22.08
C ASN A 286 -6.27 -6.67 -21.77
N ASP A 287 -6.83 -6.48 -20.56
CA ASP A 287 -7.36 -5.22 -20.06
C ASP A 287 -6.25 -4.14 -20.01
N TRP A 288 -5.08 -4.51 -19.46
CA TRP A 288 -3.88 -3.68 -19.38
C TRP A 288 -3.49 -3.18 -20.77
N GLN A 289 -3.38 -4.12 -21.72
CA GLN A 289 -3.00 -3.86 -23.10
C GLN A 289 -4.04 -3.00 -23.86
N ARG A 290 -5.37 -3.29 -23.70
CA ARG A 290 -6.44 -2.52 -24.36
C ARG A 290 -6.49 -1.06 -23.85
N HIS A 291 -6.08 -0.82 -22.60
CA HIS A 291 -6.15 0.54 -22.03
C HIS A 291 -4.77 1.18 -21.79
N ALA A 292 -3.77 0.76 -22.59
CA ALA A 292 -2.44 1.35 -22.53
C ALA A 292 -2.33 2.36 -23.66
N ILE A 293 -1.81 3.56 -23.35
CA ILE A 293 -1.58 4.60 -24.36
C ILE A 293 -0.05 4.80 -24.55
N TYR A 294 0.35 5.44 -25.65
CA TYR A 294 1.75 5.61 -26.02
C TYR A 294 2.08 7.02 -26.51
N ARG A 295 3.29 7.49 -26.16
CA ARG A 295 3.87 8.76 -26.59
C ARG A 295 5.23 8.47 -27.24
N ARG A 296 5.45 8.95 -28.48
CA ARG A 296 6.66 8.75 -29.30
C ARG A 296 6.91 7.22 -29.55
N TYR A 297 5.83 6.42 -29.43
CA TYR A 297 5.78 4.97 -29.64
C TYR A 297 4.40 4.63 -30.24
N ALA A 298 4.23 3.39 -30.70
CA ALA A 298 2.99 2.86 -31.25
C ALA A 298 2.87 1.42 -30.80
N ARG A 299 1.67 0.82 -30.91
CA ARG A 299 1.47 -0.58 -30.52
C ARG A 299 2.25 -1.55 -31.45
N THR A 300 2.72 -1.06 -32.62
CA THR A 300 3.47 -1.82 -33.62
C THR A 300 5.00 -1.72 -33.42
N SER A 301 5.46 -0.85 -32.49
CA SER A 301 6.87 -0.63 -32.19
C SER A 301 7.52 -1.85 -31.53
N LYS A 302 8.79 -2.12 -31.89
CA LYS A 302 9.57 -3.28 -31.43
C LYS A 302 9.66 -3.30 -29.91
N GLN A 303 10.04 -2.18 -29.28
CA GLN A 303 10.15 -2.05 -27.82
C GLN A 303 8.80 -2.29 -27.12
N ILE A 304 7.69 -1.78 -27.70
CA ILE A 304 6.34 -1.99 -27.15
C ILE A 304 5.95 -3.46 -27.23
N MET A 305 6.20 -4.09 -28.39
CA MET A 305 5.90 -5.51 -28.60
C MET A 305 6.76 -6.37 -27.67
N TRP A 306 8.01 -5.92 -27.36
CA TRP A 306 8.92 -6.59 -26.43
C TRP A 306 8.44 -6.37 -24.99
N PHE A 307 7.92 -5.16 -24.67
CA PHE A 307 7.39 -4.84 -23.34
C PHE A 307 6.24 -5.80 -23.00
N TRP A 308 5.29 -5.98 -23.93
CA TRP A 308 4.14 -6.86 -23.73
C TRP A 308 4.56 -8.33 -23.68
N GLN A 309 5.68 -8.69 -24.37
CA GLN A 309 6.24 -10.03 -24.36
C GLN A 309 6.84 -10.27 -22.96
N PHE A 310 7.59 -9.26 -22.47
CA PHE A 310 8.18 -9.24 -21.13
C PHE A 310 7.11 -9.39 -20.03
N VAL A 311 5.94 -8.73 -20.21
CA VAL A 311 4.83 -8.81 -19.24
C VAL A 311 4.24 -10.24 -19.20
N LYS A 312 4.08 -10.87 -20.37
CA LYS A 312 3.58 -12.25 -20.47
C LYS A 312 4.58 -13.26 -19.85
N GLU A 313 5.90 -13.03 -20.04
CA GLU A 313 6.96 -13.89 -19.53
C GLU A 313 7.10 -13.92 -17.99
N ILE A 314 7.01 -12.77 -17.33
CA ILE A 314 7.21 -12.66 -15.89
C ILE A 314 6.02 -13.21 -15.09
N ASP A 315 6.27 -13.58 -13.82
CA ASP A 315 5.19 -14.09 -12.98
C ASP A 315 4.33 -12.92 -12.46
N ASN A 316 3.18 -13.24 -11.86
CA ASN A 316 2.24 -12.25 -11.38
C ASN A 316 2.79 -11.36 -10.25
N GLU A 317 3.79 -11.83 -9.47
CA GLU A 317 4.42 -10.99 -8.44
C GLU A 317 5.24 -9.88 -9.16
N LYS A 318 5.91 -10.25 -10.28
CA LYS A 318 6.73 -9.31 -11.05
C LYS A 318 5.87 -8.29 -11.78
N ARG A 319 4.69 -8.70 -12.28
CA ARG A 319 3.73 -7.81 -12.93
C ARG A 319 3.23 -6.73 -11.96
N MET A 320 2.92 -7.12 -10.68
CA MET A 320 2.48 -6.24 -9.60
C MET A 320 3.60 -5.25 -9.27
N ARG A 321 4.84 -5.77 -9.20
CA ARG A 321 6.02 -4.96 -8.94
C ARG A 321 6.22 -3.89 -10.05
N LEU A 322 5.91 -4.27 -11.30
CA LEU A 322 5.98 -3.40 -12.48
C LEU A 322 4.87 -2.37 -12.38
N LEU A 323 3.67 -2.81 -12.00
CA LEU A 323 2.52 -1.93 -11.80
C LEU A 323 2.83 -0.87 -10.72
N GLN A 324 3.53 -1.28 -9.65
CA GLN A 324 3.93 -0.38 -8.55
C GLN A 324 4.99 0.57 -9.04
N PHE A 325 5.90 0.08 -9.90
CA PHE A 325 6.94 0.94 -10.44
C PHE A 325 6.35 2.11 -11.26
N VAL A 326 5.39 1.83 -12.15
CA VAL A 326 4.81 2.82 -13.05
C VAL A 326 3.74 3.70 -12.38
N THR A 327 2.88 3.08 -11.54
CA THR A 327 1.76 3.80 -10.96
C THR A 327 1.88 4.14 -9.46
N GLY A 328 2.85 3.56 -8.74
CA GLY A 328 3.05 3.81 -7.31
C GLY A 328 2.25 2.90 -6.38
N THR A 329 1.39 2.04 -6.95
CA THR A 329 0.55 1.11 -6.18
C THR A 329 0.33 -0.20 -6.98
N CYS A 330 -0.02 -1.29 -6.28
CA CYS A 330 -0.34 -2.58 -6.91
C CYS A 330 -1.84 -2.67 -7.09
N ARG A 331 -2.58 -1.73 -6.51
CA ARG A 331 -4.04 -1.68 -6.55
C ARG A 331 -4.56 -1.10 -7.84
N LEU A 332 -5.70 -1.65 -8.29
CA LEU A 332 -6.37 -1.23 -9.51
C LEU A 332 -7.78 -0.82 -9.18
N PRO A 333 -8.38 0.15 -9.92
CA PRO A 333 -9.79 0.46 -9.69
C PRO A 333 -10.66 -0.77 -10.02
N VAL A 334 -11.90 -0.81 -9.50
CA VAL A 334 -12.84 -1.91 -9.75
C VAL A 334 -13.05 -2.17 -11.27
N GLY A 335 -13.13 -1.10 -12.07
CA GLY A 335 -13.34 -1.16 -13.51
C GLY A 335 -12.11 -1.50 -14.34
N GLY A 336 -10.96 -1.67 -13.70
CA GLY A 336 -9.71 -2.05 -14.36
C GLY A 336 -8.90 -0.89 -14.89
N PHE A 337 -8.03 -1.19 -15.86
CA PHE A 337 -7.08 -0.25 -16.45
C PHE A 337 -7.71 0.99 -17.12
N ALA A 338 -8.91 0.87 -17.69
CA ALA A 338 -9.62 1.99 -18.30
C ALA A 338 -9.84 3.16 -17.30
N ASP A 339 -10.04 2.84 -16.00
CA ASP A 339 -10.36 3.78 -14.93
C ASP A 339 -9.18 4.30 -14.14
N LEU A 340 -7.95 3.99 -14.58
CA LEU A 340 -6.72 4.45 -13.92
C LEU A 340 -6.70 5.98 -13.76
N MET A 341 -6.42 6.41 -12.53
CA MET A 341 -6.42 7.82 -12.18
C MET A 341 -5.01 8.33 -11.89
N GLY A 342 -4.72 9.51 -12.40
CA GLY A 342 -3.46 10.21 -12.17
C GLY A 342 -3.71 11.28 -11.13
N SER A 343 -2.72 12.13 -10.87
CA SER A 343 -2.88 13.18 -9.86
C SER A 343 -3.69 14.38 -10.39
N ASN A 344 -3.82 14.53 -11.73
CA ASN A 344 -4.53 15.65 -12.35
C ASN A 344 -5.87 15.28 -13.05
N GLY A 345 -6.30 14.03 -12.88
CA GLY A 345 -7.51 13.51 -13.49
C GLY A 345 -7.32 12.11 -14.04
N PRO A 346 -8.24 11.62 -14.89
CA PRO A 346 -8.08 10.25 -15.43
C PRO A 346 -6.78 10.16 -16.20
N GLN A 347 -6.02 9.09 -16.00
CA GLN A 347 -4.72 8.89 -16.64
C GLN A 347 -4.40 7.41 -16.82
N LYS A 348 -4.59 6.95 -18.05
CA LYS A 348 -4.33 5.57 -18.43
C LYS A 348 -2.83 5.32 -18.43
N PHE A 349 -2.44 4.06 -18.16
CA PHE A 349 -1.06 3.59 -18.19
C PHE A 349 -0.46 4.05 -19.54
N CYS A 350 0.65 4.80 -19.48
CA CYS A 350 1.29 5.38 -20.67
C CYS A 350 2.77 5.00 -20.79
N ILE A 351 3.20 4.62 -22.00
CA ILE A 351 4.61 4.29 -22.28
C ILE A 351 5.19 5.33 -23.24
N GLU A 352 6.24 6.03 -22.81
CA GLU A 352 6.91 7.08 -23.60
C GLU A 352 8.35 6.70 -23.96
N LYS A 353 8.77 7.00 -25.21
CA LYS A 353 10.13 6.79 -25.71
C LYS A 353 11.00 7.97 -25.22
N VAL A 354 12.01 7.67 -24.39
CA VAL A 354 12.92 8.67 -23.84
C VAL A 354 14.37 8.22 -23.97
N GLY A 355 15.25 9.17 -24.30
CA GLY A 355 16.68 8.99 -24.45
C GLY A 355 17.15 7.94 -25.44
N LYS A 356 18.29 7.29 -25.12
CA LYS A 356 18.96 6.28 -25.93
C LYS A 356 19.09 4.91 -25.20
N GLU A 357 19.60 3.88 -25.91
CA GLU A 357 19.79 2.50 -25.45
C GLU A 357 20.59 2.34 -24.14
N ASN A 358 21.44 3.33 -23.79
CA ASN A 358 22.28 3.29 -22.57
C ASN A 358 21.52 3.77 -21.31
N TRP A 359 20.38 4.44 -21.51
CA TRP A 359 19.52 4.98 -20.44
C TRP A 359 18.80 3.89 -19.66
N LEU A 360 18.52 4.17 -18.38
CA LEU A 360 17.80 3.25 -17.50
C LEU A 360 16.29 3.55 -17.57
N PRO A 361 15.40 2.54 -17.37
CA PRO A 361 13.95 2.85 -17.37
C PRO A 361 13.58 3.75 -16.18
N ARG A 362 12.69 4.73 -16.43
CA ARG A 362 12.22 5.68 -15.40
C ARG A 362 10.69 5.76 -15.38
N SER A 363 10.10 6.21 -14.26
CA SER A 363 8.66 6.31 -14.13
C SER A 363 8.22 7.63 -13.57
N HIS A 364 6.97 8.05 -13.89
CA HIS A 364 6.33 9.25 -13.37
C HIS A 364 4.98 8.75 -12.86
N THR A 365 4.98 8.23 -11.61
CA THR A 365 3.85 7.57 -10.95
C THR A 365 2.59 8.43 -10.88
N CYS A 366 2.75 9.76 -10.80
CA CYS A 366 1.68 10.76 -10.78
C CYS A 366 0.89 10.76 -12.07
N PHE A 367 1.53 10.35 -13.16
CA PHE A 367 0.93 10.30 -14.49
C PHE A 367 0.90 8.87 -15.04
N ASN A 368 1.12 7.84 -14.17
CA ASN A 368 1.07 6.41 -14.57
C ASN A 368 1.84 6.22 -15.86
N ARG A 369 3.08 6.76 -15.89
CA ARG A 369 3.91 6.83 -17.10
C ARG A 369 5.28 6.17 -16.96
N LEU A 370 5.58 5.28 -17.92
CA LEU A 370 6.86 4.61 -18.03
C LEU A 370 7.67 5.25 -19.16
N ASP A 371 8.89 5.71 -18.84
CA ASP A 371 9.82 6.26 -19.83
C ASP A 371 10.66 5.07 -20.21
N LEU A 372 10.37 4.53 -21.40
CA LEU A 372 11.02 3.34 -21.91
C LEU A 372 12.02 3.70 -23.01
N PRO A 373 13.35 3.56 -22.71
CA PRO A 373 14.36 3.86 -23.73
C PRO A 373 14.29 2.92 -24.93
N PRO A 374 14.74 3.34 -26.15
CA PRO A 374 14.65 2.45 -27.31
C PRO A 374 15.76 1.39 -27.30
N TYR A 375 15.51 0.30 -26.58
CA TYR A 375 16.46 -0.80 -26.43
C TYR A 375 16.65 -1.60 -27.70
N LYS A 376 17.87 -2.12 -27.88
CA LYS A 376 18.34 -2.88 -29.04
C LYS A 376 17.77 -4.31 -29.12
N SER A 377 17.57 -4.98 -27.99
CA SER A 377 17.05 -6.35 -27.99
C SER A 377 16.02 -6.59 -26.89
N TYR A 378 15.25 -7.69 -27.03
CA TYR A 378 14.29 -8.13 -26.03
C TYR A 378 15.00 -8.44 -24.71
N GLU A 379 16.22 -9.05 -24.77
CA GLU A 379 16.98 -9.39 -23.56
C GLU A 379 17.50 -8.13 -22.87
N GLN A 380 17.84 -7.07 -23.62
CA GLN A 380 18.24 -5.78 -23.04
C GLN A 380 17.02 -5.12 -22.33
N LEU A 381 15.80 -5.26 -22.92
CA LEU A 381 14.55 -4.74 -22.37
C LEU A 381 14.18 -5.48 -21.08
N LYS A 382 14.29 -6.83 -21.08
CA LYS A 382 14.04 -7.71 -19.93
C LYS A 382 15.01 -7.40 -18.77
N GLU A 383 16.32 -7.23 -19.06
CA GLU A 383 17.35 -6.93 -18.05
C GLU A 383 17.19 -5.55 -17.41
N LYS A 384 16.91 -4.51 -18.22
CA LYS A 384 16.78 -3.14 -17.75
C LYS A 384 15.50 -2.91 -16.93
N LEU A 385 14.35 -3.49 -17.35
CA LEU A 385 13.08 -3.35 -16.62
C LEU A 385 13.09 -4.12 -15.31
N LEU A 386 13.62 -5.38 -15.32
CA LEU A 386 13.71 -6.19 -14.12
C LEU A 386 14.49 -5.47 -13.04
N PHE A 387 15.62 -4.87 -13.41
CA PHE A 387 16.45 -4.10 -12.46
C PHE A 387 15.72 -2.87 -11.96
N ALA A 388 15.06 -2.13 -12.88
CA ALA A 388 14.32 -0.89 -12.57
C ALA A 388 13.18 -1.11 -11.57
N ILE A 389 12.40 -2.21 -11.74
CA ILE A 389 11.25 -2.52 -10.88
C ILE A 389 11.68 -3.14 -9.53
N GLU A 390 12.88 -3.78 -9.48
CA GLU A 390 13.39 -4.43 -8.27
C GLU A 390 13.87 -3.46 -7.22
N GLU A 391 14.48 -2.33 -7.64
CA GLU A 391 15.06 -1.29 -6.77
C GLU A 391 14.15 -0.90 -5.60
N THR A 392 14.70 -0.87 -4.37
CA THR A 392 13.97 -0.52 -3.13
C THR A 392 14.69 0.58 -2.36
CL CL B . 11.00 0.41 1.32
UNK UNX C . -11.01 -10.75 -23.32
UNK UNX D . 19.11 8.02 -17.08
UNK UNX E . -6.32 19.02 -14.25
UNK UNX F . 13.24 -13.42 4.72
UNK UNX G . -11.08 5.24 -6.57
UNK UNX H . -7.04 8.09 -6.39
UNK UNX I . -7.41 11.60 -3.37
UNK UNX J . 2.39 6.59 -2.27
UNK UNX K . 7.52 3.38 -8.14
#